data_2LDF
#
_entry.id   2LDF
#
_entity_poly.entity_id   1
_entity_poly.type   'polypeptide(L)'
_entity_poly.pdbx_seq_one_letter_code
;CSCNDINDKECMYFCHQDVIWDEP
;
_entity_poly.pdbx_strand_id   A
#
# COMPACT_ATOMS: atom_id res chain seq x y z
N CYS A 1 -2.85 5.72 -2.45
CA CYS A 1 -2.64 4.35 -1.95
C CYS A 1 -3.95 3.55 -2.05
N SER A 2 -3.83 2.24 -2.13
CA SER A 2 -5.00 1.38 -2.22
C SER A 2 -4.85 0.16 -1.33
N CYS A 3 -5.69 0.06 -0.32
CA CYS A 3 -5.64 -1.07 0.59
C CYS A 3 -7.04 -1.48 0.99
N ASN A 4 -7.27 -2.79 1.04
CA ASN A 4 -8.54 -3.35 1.47
C ASN A 4 -8.32 -4.80 1.86
N ASP A 5 -7.55 -5.51 1.04
CA ASP A 5 -7.22 -6.90 1.29
C ASP A 5 -6.02 -6.99 2.23
N ILE A 6 -5.37 -5.86 2.44
CA ILE A 6 -4.17 -5.80 3.25
C ILE A 6 -4.38 -4.97 4.52
N ASN A 7 -3.46 -5.09 5.45
CA ASN A 7 -3.62 -4.49 6.77
C ASN A 7 -3.24 -3.01 6.77
N ASP A 8 -3.66 -2.31 7.82
CA ASP A 8 -3.49 -0.87 7.94
C ASP A 8 -2.02 -0.46 8.02
N LYS A 9 -1.23 -1.21 8.79
CA LYS A 9 0.19 -0.89 8.97
C LYS A 9 0.93 -0.91 7.64
N GLU A 10 0.65 -1.92 6.82
CA GLU A 10 1.24 -2.02 5.50
C GLU A 10 0.64 -0.96 4.59
N CYS A 11 -0.68 -0.77 4.72
CA CYS A 11 -1.40 0.23 3.95
C CYS A 11 -0.79 1.62 4.11
N MET A 12 -0.68 2.07 5.36
CA MET A 12 -0.16 3.40 5.64
C MET A 12 1.30 3.51 5.23
N TYR A 13 2.03 2.40 5.37
CA TYR A 13 3.45 2.35 5.02
C TYR A 13 3.68 2.81 3.60
N PHE A 14 3.00 2.18 2.67
CA PHE A 14 3.21 2.48 1.27
C PHE A 14 2.26 3.58 0.81
N CYS A 15 1.37 4.02 1.69
CA CYS A 15 0.45 5.10 1.35
C CYS A 15 1.20 6.43 1.30
N HIS A 16 1.98 6.74 2.34
CA HIS A 16 2.81 7.94 2.33
C HIS A 16 4.03 7.72 1.44
N GLN A 17 4.35 6.45 1.25
CA GLN A 17 5.39 6.03 0.30
C GLN A 17 4.95 6.32 -1.13
N ASP A 18 3.66 6.09 -1.37
CA ASP A 18 3.05 6.24 -2.68
C ASP A 18 3.62 5.21 -3.66
N VAL A 19 3.26 3.96 -3.43
CA VAL A 19 3.63 2.89 -4.34
C VAL A 19 2.60 2.79 -5.44
N ILE A 20 2.94 3.41 -6.54
CA ILE A 20 2.09 3.44 -7.72
C ILE A 20 2.19 2.14 -8.52
N TRP A 21 2.70 1.09 -7.88
CA TRP A 21 2.88 -0.19 -8.53
C TRP A 21 1.73 -1.13 -8.22
N ASP A 22 1.87 -2.36 -8.66
CA ASP A 22 0.84 -3.39 -8.49
C ASP A 22 1.50 -4.75 -8.40
N GLU A 23 2.36 -5.04 -9.37
CA GLU A 23 3.22 -6.20 -9.31
C GLU A 23 4.66 -5.72 -9.12
N PRO A 24 5.36 -6.23 -8.10
CA PRO A 24 6.73 -5.84 -7.82
C PRO A 24 7.74 -6.69 -8.57
N CYS A 1 -2.80 4.97 -2.70
CA CYS A 1 -2.84 3.64 -2.06
C CYS A 1 -4.28 3.14 -2.02
N SER A 2 -4.45 1.84 -1.93
CA SER A 2 -5.77 1.23 -1.86
C SER A 2 -5.73 0.02 -0.93
N CYS A 3 -6.02 0.23 0.34
CA CYS A 3 -5.92 -0.85 1.31
C CYS A 3 -7.28 -1.30 1.79
N ASN A 4 -7.56 -2.56 1.55
CA ASN A 4 -8.76 -3.22 2.05
C ASN A 4 -8.55 -4.72 2.01
N ASP A 5 -7.75 -5.17 1.05
CA ASP A 5 -7.27 -6.54 1.00
C ASP A 5 -5.97 -6.66 1.78
N ILE A 6 -5.13 -5.63 1.68
CA ILE A 6 -3.84 -5.62 2.36
C ILE A 6 -3.98 -5.12 3.80
N ASN A 7 -2.84 -4.93 4.45
CA ASN A 7 -2.81 -4.60 5.88
C ASN A 7 -2.98 -3.10 6.11
N ASP A 8 -3.55 -2.76 7.27
CA ASP A 8 -3.65 -1.36 7.67
C ASP A 8 -2.27 -0.78 7.95
N LYS A 9 -1.46 -1.50 8.73
CA LYS A 9 -0.10 -1.11 9.05
C LYS A 9 0.73 -0.94 7.77
N GLU A 10 0.56 -1.90 6.87
CA GLU A 10 1.27 -1.90 5.60
C GLU A 10 0.80 -0.74 4.74
N CYS A 11 -0.50 -0.51 4.76
CA CYS A 11 -1.10 0.58 4.01
C CYS A 11 -0.52 1.92 4.46
N MET A 12 -0.64 2.23 5.74
CA MET A 12 -0.14 3.51 6.27
C MET A 12 1.36 3.62 6.12
N TYR A 13 2.03 2.47 6.05
CA TYR A 13 3.48 2.43 5.89
C TYR A 13 3.90 2.95 4.52
N PHE A 14 3.18 2.55 3.49
CA PHE A 14 3.62 2.84 2.14
C PHE A 14 2.67 3.78 1.39
N CYS A 15 1.55 4.16 1.99
CA CYS A 15 0.59 5.01 1.29
C CYS A 15 1.18 6.39 1.00
N HIS A 16 1.88 6.96 1.98
CA HIS A 16 2.60 8.22 1.79
C HIS A 16 3.81 8.00 0.87
N GLN A 17 4.07 6.74 0.59
CA GLN A 17 5.22 6.32 -0.19
C GLN A 17 4.75 5.59 -1.45
N ASP A 18 3.55 5.95 -1.91
CA ASP A 18 2.82 5.23 -2.98
C ASP A 18 3.76 4.65 -4.03
N VAL A 19 3.97 3.33 -3.95
CA VAL A 19 4.88 2.65 -4.84
C VAL A 19 4.16 2.06 -6.04
N ILE A 20 4.86 2.05 -7.15
CA ILE A 20 4.38 1.42 -8.37
C ILE A 20 4.90 -0.01 -8.46
N TRP A 21 5.90 -0.30 -7.62
CA TRP A 21 6.45 -1.64 -7.51
C TRP A 21 5.65 -2.44 -6.50
N ASP A 22 4.90 -3.41 -6.98
CA ASP A 22 4.10 -4.23 -6.09
C ASP A 22 4.96 -5.30 -5.45
N GLU A 23 4.93 -5.38 -4.13
CA GLU A 23 5.70 -6.37 -3.39
C GLU A 23 4.79 -7.22 -2.52
N PRO A 24 4.60 -8.49 -2.91
CA PRO A 24 3.79 -9.43 -2.15
C PRO A 24 4.63 -10.17 -1.11
N CYS A 1 -3.24 6.00 -2.30
CA CYS A 1 -3.06 4.61 -1.83
C CYS A 1 -4.39 3.87 -1.80
N SER A 2 -4.33 2.56 -1.85
CA SER A 2 -5.54 1.74 -1.75
C SER A 2 -5.22 0.42 -1.07
N CYS A 3 -5.75 0.23 0.12
CA CYS A 3 -5.50 -0.98 0.88
C CYS A 3 -6.80 -1.65 1.30
N ASN A 4 -7.42 -2.30 0.35
CA ASN A 4 -8.66 -3.01 0.61
C ASN A 4 -8.37 -4.45 0.99
N ASP A 5 -7.38 -5.02 0.31
CA ASP A 5 -7.03 -6.42 0.48
C ASP A 5 -5.82 -6.59 1.39
N ILE A 6 -5.29 -5.48 1.88
CA ILE A 6 -4.10 -5.52 2.72
C ILE A 6 -4.34 -4.84 4.07
N ASN A 7 -3.37 -4.99 4.96
CA ASN A 7 -3.52 -4.58 6.36
C ASN A 7 -3.22 -3.10 6.58
N ASP A 8 -3.54 -2.62 7.77
CA ASP A 8 -3.36 -1.21 8.14
C ASP A 8 -1.90 -0.80 8.17
N LYS A 9 -1.09 -1.56 8.92
CA LYS A 9 0.31 -1.21 9.16
C LYS A 9 1.10 -1.10 7.86
N GLU A 10 0.86 -2.02 6.94
CA GLU A 10 1.49 -1.95 5.62
C GLU A 10 0.89 -0.80 4.84
N CYS A 11 -0.43 -0.66 4.92
CA CYS A 11 -1.15 0.39 4.20
C CYS A 11 -0.61 1.77 4.56
N MET A 12 -0.61 2.09 5.85
CA MET A 12 -0.15 3.40 6.32
C MET A 12 1.32 3.60 5.98
N TYR A 13 2.10 2.52 6.04
CA TYR A 13 3.52 2.58 5.77
C TYR A 13 3.80 3.04 4.33
N PHE A 14 3.02 2.53 3.39
CA PHE A 14 3.29 2.82 1.98
C PHE A 14 2.29 3.82 1.38
N CYS A 15 1.26 4.19 2.13
CA CYS A 15 0.25 5.10 1.60
C CYS A 15 0.87 6.44 1.22
N HIS A 16 1.72 6.97 2.09
CA HIS A 16 2.42 8.22 1.83
C HIS A 16 3.69 7.98 1.03
N GLN A 17 3.76 6.80 0.44
CA GLN A 17 4.89 6.39 -0.39
C GLN A 17 4.42 6.10 -1.81
N ASP A 18 3.42 5.23 -1.92
CA ASP A 18 2.82 4.83 -3.18
C ASP A 18 3.81 4.07 -4.06
N VAL A 19 3.79 2.75 -3.94
CA VAL A 19 4.65 1.90 -4.71
C VAL A 19 4.01 1.54 -6.05
N ILE A 20 4.34 2.30 -7.07
CA ILE A 20 3.78 2.09 -8.39
C ILE A 20 4.72 1.27 -9.26
N TRP A 21 5.70 0.65 -8.63
CA TRP A 21 6.66 -0.18 -9.33
C TRP A 21 6.25 -1.64 -9.17
N ASP A 22 5.75 -2.23 -10.24
CA ASP A 22 5.23 -3.59 -10.18
C ASP A 22 6.36 -4.61 -10.04
N GLU A 23 7.31 -4.57 -10.97
CA GLU A 23 8.45 -5.50 -10.99
C GLU A 23 7.98 -6.96 -11.03
N PRO A 24 7.89 -7.53 -12.24
CA PRO A 24 7.41 -8.90 -12.45
C PRO A 24 8.10 -9.90 -11.52
N CYS A 1 -2.69 5.74 -2.38
CA CYS A 1 -2.90 4.70 -1.34
C CYS A 1 -4.13 3.88 -1.65
N SER A 2 -3.96 2.57 -1.69
CA SER A 2 -5.06 1.66 -1.99
C SER A 2 -4.83 0.31 -1.32
N CYS A 3 -5.39 0.13 -0.14
CA CYS A 3 -5.25 -1.13 0.58
C CYS A 3 -6.59 -1.85 0.68
N ASN A 4 -6.81 -2.78 -0.24
CA ASN A 4 -8.03 -3.56 -0.27
C ASN A 4 -7.94 -4.73 0.69
N ASP A 5 -6.94 -5.57 0.47
CA ASP A 5 -6.79 -6.82 1.19
C ASP A 5 -5.83 -6.69 2.37
N ILE A 6 -4.89 -5.76 2.26
CA ILE A 6 -3.89 -5.56 3.30
C ILE A 6 -4.37 -4.63 4.39
N ASN A 7 -3.86 -4.85 5.59
CA ASN A 7 -4.29 -4.12 6.79
C ASN A 7 -3.65 -2.74 6.88
N ASP A 8 -4.01 -2.01 7.93
CA ASP A 8 -3.60 -0.61 8.10
C ASP A 8 -2.08 -0.46 8.20
N LYS A 9 -1.42 -1.42 8.83
CA LYS A 9 0.04 -1.37 9.01
C LYS A 9 0.77 -1.18 7.69
N GLU A 10 0.57 -2.11 6.77
CA GLU A 10 1.23 -2.05 5.47
C GLU A 10 0.60 -0.95 4.63
N CYS A 11 -0.71 -0.75 4.81
CA CYS A 11 -1.43 0.28 4.10
C CYS A 11 -0.82 1.66 4.33
N MET A 12 -0.63 2.02 5.60
CA MET A 12 -0.06 3.31 5.95
C MET A 12 1.41 3.37 5.54
N TYR A 13 2.07 2.21 5.62
CA TYR A 13 3.49 2.11 5.29
C TYR A 13 3.77 2.64 3.89
N PHE A 14 3.01 2.17 2.92
CA PHE A 14 3.24 2.57 1.55
C PHE A 14 2.28 3.69 1.15
N CYS A 15 1.41 4.11 2.05
CA CYS A 15 0.53 5.24 1.76
C CYS A 15 1.34 6.52 1.58
N HIS A 16 2.25 6.79 2.52
CA HIS A 16 3.12 7.95 2.41
C HIS A 16 4.32 7.61 1.53
N GLN A 17 4.00 6.98 0.44
CA GLN A 17 4.96 6.43 -0.49
C GLN A 17 4.33 6.28 -1.86
N ASP A 18 3.12 5.73 -1.83
CA ASP A 18 2.29 5.51 -3.00
C ASP A 18 3.04 4.74 -4.08
N VAL A 19 3.43 3.52 -3.74
CA VAL A 19 4.05 2.64 -4.71
C VAL A 19 2.99 1.83 -5.44
N ILE A 20 2.71 2.24 -6.66
CA ILE A 20 1.70 1.59 -7.49
C ILE A 20 2.23 0.32 -8.15
N TRP A 21 3.33 -0.19 -7.61
CA TRP A 21 4.02 -1.30 -8.20
C TRP A 21 3.62 -2.63 -7.57
N ASP A 22 2.33 -2.83 -7.53
CA ASP A 22 1.74 -4.12 -7.18
C ASP A 22 1.37 -4.83 -8.47
N GLU A 23 1.44 -4.06 -9.55
CA GLU A 23 1.26 -4.58 -10.90
C GLU A 23 2.59 -5.15 -11.40
N PRO A 24 2.61 -6.40 -11.86
CA PRO A 24 3.83 -7.04 -12.36
C PRO A 24 4.14 -6.66 -13.81
N CYS A 1 -3.01 6.34 -1.41
CA CYS A 1 -2.57 4.94 -1.35
C CYS A 1 -3.69 4.00 -1.79
N SER A 2 -3.38 2.71 -1.86
CA SER A 2 -4.34 1.72 -2.32
C SER A 2 -4.22 0.43 -1.53
N CYS A 3 -5.10 0.21 -0.57
CA CYS A 3 -5.09 -1.00 0.22
C CYS A 3 -6.49 -1.61 0.30
N ASN A 4 -6.72 -2.61 -0.54
CA ASN A 4 -8.02 -3.25 -0.65
C ASN A 4 -8.29 -4.20 0.52
N ASP A 5 -7.35 -5.11 0.76
CA ASP A 5 -7.56 -6.17 1.74
C ASP A 5 -6.38 -6.34 2.69
N ILE A 6 -5.26 -5.69 2.37
CA ILE A 6 -4.09 -5.76 3.25
C ILE A 6 -4.33 -4.99 4.54
N ASN A 7 -3.57 -5.35 5.56
CA ASN A 7 -3.72 -4.76 6.90
C ASN A 7 -3.26 -3.30 6.93
N ASP A 8 -3.66 -2.62 8.01
CA ASP A 8 -3.44 -1.18 8.18
C ASP A 8 -1.96 -0.80 8.15
N LYS A 9 -1.15 -1.48 8.96
CA LYS A 9 0.26 -1.13 9.09
C LYS A 9 0.98 -1.16 7.76
N GLU A 10 0.61 -2.08 6.88
CA GLU A 10 1.22 -2.14 5.56
C GLU A 10 0.67 -1.02 4.69
N CYS A 11 -0.65 -0.82 4.75
CA CYS A 11 -1.30 0.24 4.00
C CYS A 11 -0.70 1.60 4.36
N MET A 12 -0.63 1.89 5.65
CA MET A 12 -0.12 3.17 6.12
C MET A 12 1.35 3.32 5.75
N TYR A 13 2.09 2.19 5.74
CA TYR A 13 3.50 2.20 5.40
C TYR A 13 3.74 2.81 4.03
N PHE A 14 3.01 2.35 3.03
CA PHE A 14 3.23 2.86 1.69
C PHE A 14 2.19 3.91 1.33
N CYS A 15 1.29 4.22 2.25
CA CYS A 15 0.25 5.21 1.97
C CYS A 15 0.86 6.60 1.74
N HIS A 16 1.94 6.89 2.44
CA HIS A 16 2.65 8.17 2.25
C HIS A 16 3.72 8.03 1.19
N GLN A 17 3.60 6.98 0.41
CA GLN A 17 4.59 6.60 -0.58
C GLN A 17 3.96 6.35 -1.95
N ASP A 18 2.95 5.48 -1.96
CA ASP A 18 2.31 5.02 -3.18
C ASP A 18 3.32 4.46 -4.17
N VAL A 19 3.66 3.20 -3.95
CA VAL A 19 4.59 2.50 -4.81
C VAL A 19 3.85 1.83 -5.95
N ILE A 20 4.11 2.29 -7.15
CA ILE A 20 3.46 1.77 -8.33
C ILE A 20 4.14 0.48 -8.80
N TRP A 21 4.11 0.26 -10.11
CA TRP A 21 4.68 -0.92 -10.73
C TRP A 21 3.95 -2.18 -10.26
N ASP A 22 2.63 -2.10 -10.27
CA ASP A 22 1.80 -3.25 -9.92
C ASP A 22 1.87 -4.26 -11.05
N GLU A 23 2.57 -5.35 -10.83
CA GLU A 23 2.82 -6.31 -11.88
C GLU A 23 2.48 -7.72 -11.42
N PRO A 24 1.46 -8.34 -12.04
CA PRO A 24 1.08 -9.72 -11.76
C PRO A 24 1.97 -10.72 -12.50
N CYS A 1 -2.49 5.27 -3.22
CA CYS A 1 -2.12 4.01 -2.55
C CYS A 1 -3.32 3.10 -2.40
N SER A 2 -3.26 1.98 -3.08
CA SER A 2 -4.38 1.06 -3.15
C SER A 2 -4.29 -0.02 -2.07
N CYS A 3 -4.67 0.34 -0.86
CA CYS A 3 -4.78 -0.63 0.21
C CYS A 3 -6.23 -0.74 0.67
N ASN A 4 -6.70 -1.96 0.80
CA ASN A 4 -8.11 -2.21 1.11
C ASN A 4 -8.28 -3.60 1.70
N ASP A 5 -7.68 -4.59 1.04
CA ASP A 5 -7.77 -5.97 1.50
C ASP A 5 -6.58 -6.35 2.35
N ILE A 6 -5.74 -5.38 2.69
CA ILE A 6 -4.53 -5.67 3.45
C ILE A 6 -4.60 -5.09 4.86
N ASN A 7 -3.47 -5.10 5.55
CA ASN A 7 -3.40 -4.73 6.96
C ASN A 7 -3.06 -3.25 7.13
N ASP A 8 -3.26 -2.75 8.34
CA ASP A 8 -3.03 -1.35 8.65
C ASP A 8 -1.56 -0.97 8.51
N LYS A 9 -0.68 -1.79 9.06
CA LYS A 9 0.76 -1.53 9.03
C LYS A 9 1.21 -1.29 7.60
N GLU A 10 0.82 -2.19 6.70
CA GLU A 10 1.25 -2.10 5.31
C GLU A 10 0.58 -0.92 4.63
N CYS A 11 -0.73 -0.83 4.79
CA CYS A 11 -1.53 0.20 4.14
C CYS A 11 -1.00 1.59 4.48
N MET A 12 -0.83 1.88 5.76
CA MET A 12 -0.35 3.19 6.18
C MET A 12 1.11 3.40 5.73
N TYR A 13 1.87 2.30 5.73
CA TYR A 13 3.29 2.34 5.39
C TYR A 13 3.52 2.89 3.99
N PHE A 14 2.86 2.29 3.02
CA PHE A 14 3.13 2.64 1.64
C PHE A 14 2.09 3.64 1.11
N CYS A 15 1.12 4.00 1.92
CA CYS A 15 0.14 4.98 1.51
C CYS A 15 0.75 6.38 1.45
N HIS A 16 1.56 6.72 2.45
CA HIS A 16 2.27 8.00 2.45
C HIS A 16 3.56 7.88 1.63
N GLN A 17 3.47 7.01 0.66
CA GLN A 17 4.60 6.62 -0.16
C GLN A 17 4.16 6.52 -1.62
N ASP A 18 3.16 5.67 -1.84
CA ASP A 18 2.56 5.43 -3.15
C ASP A 18 3.59 4.90 -4.13
N VAL A 19 3.85 3.61 -4.03
CA VAL A 19 4.84 2.95 -4.87
C VAL A 19 4.21 2.43 -6.15
N ILE A 20 5.02 1.73 -6.92
CA ILE A 20 4.59 1.12 -8.16
C ILE A 20 5.05 -0.33 -8.22
N TRP A 21 5.24 -0.83 -9.45
CA TRP A 21 5.64 -2.22 -9.70
C TRP A 21 4.50 -3.17 -9.33
N ASP A 22 3.97 -3.85 -10.35
CA ASP A 22 2.79 -4.70 -10.20
C ASP A 22 1.56 -3.82 -9.98
N GLU A 23 0.92 -3.46 -11.09
CA GLU A 23 -0.22 -2.55 -11.06
C GLU A 23 -1.40 -3.18 -10.34
N PRO A 24 -2.10 -2.39 -9.51
CA PRO A 24 -3.25 -2.86 -8.73
C PRO A 24 -4.41 -3.28 -9.60
N CYS A 1 -3.34 5.72 -3.05
CA CYS A 1 -2.94 4.48 -2.34
C CYS A 1 -3.78 3.31 -2.82
N SER A 2 -3.44 2.10 -2.39
CA SER A 2 -4.23 0.92 -2.71
C SER A 2 -4.17 -0.09 -1.56
N CYS A 3 -4.93 0.19 -0.51
CA CYS A 3 -4.97 -0.68 0.65
C CYS A 3 -6.38 -0.82 1.19
N ASN A 4 -6.85 -2.05 1.29
CA ASN A 4 -8.20 -2.37 1.73
C ASN A 4 -8.25 -3.81 2.20
N ASP A 5 -7.80 -4.71 1.32
CA ASP A 5 -7.74 -6.13 1.64
C ASP A 5 -6.58 -6.42 2.58
N ILE A 6 -5.52 -5.64 2.46
CA ILE A 6 -4.32 -5.83 3.26
C ILE A 6 -4.43 -5.18 4.63
N ASN A 7 -3.46 -5.50 5.48
CA ASN A 7 -3.44 -5.04 6.87
C ASN A 7 -3.10 -3.55 6.99
N ASP A 8 -3.38 -2.99 8.16
CA ASP A 8 -3.27 -1.55 8.42
C ASP A 8 -1.85 -1.04 8.23
N LYS A 9 -0.89 -1.73 8.83
CA LYS A 9 0.51 -1.30 8.80
C LYS A 9 1.04 -1.17 7.38
N GLU A 10 0.67 -2.08 6.52
CA GLU A 10 1.14 -2.03 5.14
C GLU A 10 0.45 -0.88 4.42
N CYS A 11 -0.85 -0.73 4.68
CA CYS A 11 -1.65 0.33 4.10
C CYS A 11 -1.03 1.69 4.39
N MET A 12 -0.87 2.02 5.67
CA MET A 12 -0.36 3.32 6.06
C MET A 12 1.09 3.50 5.61
N TYR A 13 1.85 2.42 5.63
CA TYR A 13 3.28 2.46 5.30
C TYR A 13 3.50 2.97 3.88
N PHE A 14 2.82 2.37 2.93
CA PHE A 14 3.07 2.71 1.54
C PHE A 14 2.06 3.74 1.04
N CYS A 15 1.12 4.13 1.90
CA CYS A 15 0.15 5.14 1.51
C CYS A 15 0.82 6.52 1.39
N HIS A 16 1.70 6.85 2.34
CA HIS A 16 2.44 8.12 2.29
C HIS A 16 3.70 7.96 1.45
N GLN A 17 3.84 6.78 0.90
CA GLN A 17 4.96 6.41 0.05
C GLN A 17 4.53 6.45 -1.41
N ASP A 18 3.47 5.69 -1.71
CA ASP A 18 2.90 5.55 -3.05
C ASP A 18 3.92 4.98 -4.02
N VAL A 19 3.95 3.66 -4.11
CA VAL A 19 4.85 2.99 -5.01
C VAL A 19 4.20 2.82 -6.38
N ILE A 20 4.92 3.21 -7.40
CA ILE A 20 4.43 3.12 -8.77
C ILE A 20 4.70 1.75 -9.38
N TRP A 21 5.28 0.88 -8.57
CA TRP A 21 5.57 -0.49 -8.98
C TRP A 21 5.35 -1.44 -7.82
N ASP A 22 5.54 -2.72 -8.08
CA ASP A 22 5.24 -3.74 -7.08
C ASP A 22 6.49 -4.57 -6.76
N GLU A 23 6.30 -5.59 -5.95
CA GLU A 23 7.35 -6.54 -5.68
C GLU A 23 7.03 -7.84 -6.42
N PRO A 24 7.63 -8.04 -7.59
CA PRO A 24 7.33 -9.16 -8.48
C PRO A 24 7.70 -10.51 -7.88
N CYS A 1 -4.07 5.98 -1.62
CA CYS A 1 -3.38 4.78 -1.09
C CYS A 1 -3.99 3.52 -1.70
N SER A 2 -3.12 2.65 -2.17
CA SER A 2 -3.55 1.47 -2.92
C SER A 2 -3.72 0.26 -2.00
N CYS A 3 -4.17 0.50 -0.78
CA CYS A 3 -4.33 -0.59 0.17
C CYS A 3 -5.77 -1.06 0.21
N ASN A 4 -6.06 -2.09 -0.57
CA ASN A 4 -7.40 -2.64 -0.64
C ASN A 4 -7.68 -3.55 0.53
N ASP A 5 -6.96 -4.67 0.57
CA ASP A 5 -7.16 -5.66 1.62
C ASP A 5 -6.04 -5.55 2.65
N ILE A 6 -4.88 -5.07 2.22
CA ILE A 6 -3.76 -4.86 3.13
C ILE A 6 -3.97 -3.62 3.98
N ASN A 7 -4.87 -3.71 4.94
CA ASN A 7 -5.20 -2.58 5.80
C ASN A 7 -4.68 -2.78 7.22
N ASP A 8 -3.46 -2.33 7.44
CA ASP A 8 -2.78 -2.46 8.71
C ASP A 8 -1.46 -1.73 8.62
N LYS A 9 -0.40 -2.29 9.20
CA LYS A 9 0.93 -1.70 9.13
C LYS A 9 1.38 -1.50 7.68
N GLU A 10 0.84 -2.33 6.80
CA GLU A 10 1.17 -2.24 5.39
C GLU A 10 0.62 -0.96 4.77
N CYS A 11 -0.68 -0.76 4.90
CA CYS A 11 -1.33 0.39 4.29
C CYS A 11 -0.71 1.69 4.79
N MET A 12 -0.60 1.85 6.11
CA MET A 12 -0.01 3.07 6.67
C MET A 12 1.41 3.27 6.15
N TYR A 13 2.14 2.17 5.97
CA TYR A 13 3.51 2.21 5.46
C TYR A 13 3.59 2.94 4.12
N PHE A 14 2.78 2.50 3.16
CA PHE A 14 2.90 3.04 1.81
C PHE A 14 1.74 3.97 1.46
N CYS A 15 0.86 4.23 2.42
CA CYS A 15 -0.27 5.14 2.20
C CYS A 15 0.27 6.51 1.78
N HIS A 16 1.39 6.90 2.38
CA HIS A 16 2.03 8.18 2.06
C HIS A 16 3.15 7.97 1.04
N GLN A 17 2.96 6.98 0.20
CA GLN A 17 3.99 6.57 -0.73
C GLN A 17 3.38 6.05 -2.05
N ASP A 18 2.68 4.92 -1.95
CA ASP A 18 2.16 4.19 -3.11
C ASP A 18 3.28 3.66 -3.99
N VAL A 19 3.35 2.35 -4.12
CA VAL A 19 4.40 1.70 -4.87
C VAL A 19 4.01 1.55 -6.32
N ILE A 20 4.85 2.08 -7.19
CA ILE A 20 4.70 1.89 -8.62
C ILE A 20 5.52 0.68 -9.07
N TRP A 21 5.87 0.66 -10.36
CA TRP A 21 6.62 -0.44 -10.95
C TRP A 21 5.75 -1.68 -11.01
N ASP A 22 5.21 -1.97 -12.19
CA ASP A 22 4.29 -3.09 -12.42
C ASP A 22 2.91 -2.78 -11.86
N GLU A 23 1.91 -3.54 -12.30
CA GLU A 23 0.54 -3.32 -11.86
C GLU A 23 0.24 -4.02 -10.53
N PRO A 24 0.43 -5.37 -10.44
CA PRO A 24 0.14 -6.11 -9.21
C PRO A 24 1.25 -5.97 -8.18
N CYS A 1 -6.37 4.94 0.64
CA CYS A 1 -5.05 4.72 0.00
C CYS A 1 -5.17 3.62 -1.06
N SER A 2 -4.05 3.11 -1.54
CA SER A 2 -4.06 2.11 -2.60
C SER A 2 -4.11 0.69 -2.01
N CYS A 3 -4.39 0.62 -0.72
CA CYS A 3 -4.50 -0.64 -0.01
C CYS A 3 -5.97 -1.03 0.17
N ASN A 4 -6.41 -2.01 -0.59
CA ASN A 4 -7.80 -2.43 -0.55
C ASN A 4 -8.06 -3.36 0.63
N ASP A 5 -7.29 -4.44 0.74
CA ASP A 5 -7.53 -5.45 1.77
C ASP A 5 -6.29 -5.77 2.58
N ILE A 6 -5.14 -5.25 2.16
CA ILE A 6 -3.89 -5.59 2.85
C ILE A 6 -3.83 -4.97 4.25
N ASN A 7 -2.77 -5.33 4.97
CA ASN A 7 -2.62 -5.03 6.39
C ASN A 7 -2.69 -3.55 6.69
N ASP A 8 -3.09 -3.22 7.92
CA ASP A 8 -3.19 -1.83 8.36
C ASP A 8 -1.84 -1.14 8.34
N LYS A 9 -0.89 -1.69 9.10
CA LYS A 9 0.45 -1.10 9.20
C LYS A 9 1.13 -1.03 7.84
N GLU A 10 0.80 -1.97 6.98
CA GLU A 10 1.32 -1.99 5.62
C GLU A 10 0.62 -0.92 4.78
N CYS A 11 -0.69 -0.84 4.92
CA CYS A 11 -1.51 0.13 4.22
C CYS A 11 -1.03 1.55 4.52
N MET A 12 -0.90 1.88 5.80
CA MET A 12 -0.42 3.22 6.18
C MET A 12 1.05 3.40 5.80
N TYR A 13 1.82 2.32 5.84
CA TYR A 13 3.24 2.36 5.53
C TYR A 13 3.48 2.92 4.14
N PHE A 14 2.76 2.42 3.16
CA PHE A 14 2.99 2.82 1.80
C PHE A 14 1.94 3.83 1.34
N CYS A 15 0.98 4.17 2.19
CA CYS A 15 -0.04 5.14 1.81
C CYS A 15 0.58 6.49 1.46
N HIS A 16 1.67 6.84 2.13
CA HIS A 16 2.38 8.09 1.86
C HIS A 16 3.56 7.85 0.92
N GLN A 17 3.39 6.87 0.08
CA GLN A 17 4.47 6.37 -0.76
C GLN A 17 3.93 5.88 -2.11
N ASP A 18 2.89 5.07 -2.04
CA ASP A 18 2.25 4.46 -3.19
C ASP A 18 3.26 3.61 -3.95
N VAL A 19 3.98 2.78 -3.21
CA VAL A 19 4.92 1.86 -3.81
C VAL A 19 4.21 0.55 -4.15
N ILE A 20 4.06 0.30 -5.44
CA ILE A 20 3.39 -0.88 -5.92
C ILE A 20 4.37 -2.06 -6.01
N TRP A 21 4.04 -3.00 -6.90
CA TRP A 21 4.84 -4.20 -7.11
C TRP A 21 4.78 -5.11 -5.89
N ASP A 22 3.58 -5.24 -5.37
CA ASP A 22 3.31 -6.19 -4.29
C ASP A 22 2.85 -7.48 -4.93
N GLU A 23 2.22 -7.33 -6.10
CA GLU A 23 1.81 -8.43 -6.95
C GLU A 23 1.13 -7.87 -8.19
N PRO A 24 1.88 -7.75 -9.29
CA PRO A 24 1.37 -7.18 -10.54
C PRO A 24 0.31 -8.06 -11.19
N CYS A 1 -3.45 6.39 -2.09
CA CYS A 1 -3.28 5.07 -1.45
C CYS A 1 -4.18 4.03 -2.13
N SER A 2 -3.74 2.78 -2.14
CA SER A 2 -4.49 1.71 -2.78
C SER A 2 -4.49 0.46 -1.89
N CYS A 3 -4.50 0.68 -0.59
CA CYS A 3 -4.46 -0.42 0.35
C CYS A 3 -5.83 -0.65 0.97
N ASN A 4 -6.37 -1.83 0.73
CA ASN A 4 -7.69 -2.20 1.24
C ASN A 4 -7.75 -3.71 1.46
N ASP A 5 -7.11 -4.46 0.56
CA ASP A 5 -7.08 -5.91 0.65
C ASP A 5 -6.03 -6.37 1.65
N ILE A 6 -5.28 -5.42 2.19
CA ILE A 6 -4.19 -5.74 3.10
C ILE A 6 -4.44 -5.18 4.51
N ASN A 7 -3.41 -5.20 5.33
CA ASN A 7 -3.50 -4.83 6.73
C ASN A 7 -3.22 -3.33 6.94
N ASP A 8 -3.45 -2.87 8.17
CA ASP A 8 -3.28 -1.46 8.51
C ASP A 8 -1.82 -1.03 8.41
N LYS A 9 -0.96 -1.82 9.04
CA LYS A 9 0.47 -1.51 9.16
C LYS A 9 1.10 -1.23 7.80
N GLU A 10 0.89 -2.13 6.87
CA GLU A 10 1.47 -1.99 5.55
C GLU A 10 0.73 -0.90 4.77
N CYS A 11 -0.58 -0.81 4.98
CA CYS A 11 -1.40 0.19 4.32
C CYS A 11 -0.88 1.60 4.64
N MET A 12 -0.77 1.92 5.92
CA MET A 12 -0.29 3.22 6.34
C MET A 12 1.16 3.43 5.90
N TYR A 13 1.93 2.34 5.90
CA TYR A 13 3.35 2.40 5.58
C TYR A 13 3.59 3.02 4.20
N PHE A 14 2.88 2.52 3.21
CA PHE A 14 3.11 2.99 1.85
C PHE A 14 1.99 3.95 1.40
N CYS A 15 1.07 4.25 2.30
CA CYS A 15 -0.02 5.18 1.98
C CYS A 15 0.56 6.53 1.53
N HIS A 16 1.65 6.94 2.17
CA HIS A 16 2.30 8.20 1.82
C HIS A 16 3.42 7.99 0.80
N GLN A 17 3.57 6.76 0.37
CA GLN A 17 4.64 6.38 -0.53
C GLN A 17 4.10 6.02 -1.92
N ASP A 18 3.07 5.19 -1.93
CA ASP A 18 2.43 4.72 -3.15
C ASP A 18 3.37 3.89 -4.01
N VAL A 19 3.27 2.57 -3.88
CA VAL A 19 4.06 1.68 -4.68
C VAL A 19 3.31 1.31 -5.95
N ILE A 20 3.95 1.56 -7.07
CA ILE A 20 3.36 1.30 -8.38
C ILE A 20 3.54 -0.16 -8.81
N TRP A 21 3.77 -1.02 -7.82
CA TRP A 21 4.03 -2.43 -8.08
C TRP A 21 2.76 -3.25 -7.80
N ASP A 22 2.19 -3.80 -8.85
CA ASP A 22 1.06 -4.71 -8.71
C ASP A 22 1.43 -6.06 -9.31
N GLU A 23 1.75 -7.00 -8.43
CA GLU A 23 2.25 -8.31 -8.84
C GLU A 23 1.24 -9.07 -9.69
N PRO A 24 1.63 -9.43 -10.92
CA PRO A 24 0.82 -10.22 -11.82
C PRO A 24 1.08 -11.71 -11.66
#